data_5NQH
#
_entry.id   5NQH
#
_cell.length_a   56.578
_cell.length_b   104.279
_cell.length_c   60.578
_cell.angle_alpha   90.000
_cell.angle_beta   112.040
_cell.angle_gamma   90.000
#
_symmetry.space_group_name_H-M   'P 1 21 1'
#
loop_
_entity.id
_entity.type
_entity.pdbx_description
1 polymer 'Amyloid beta A4 precursor protein-binding family B member 1'
2 non-polymer 'SULFATE ION'
3 non-polymer GLYCEROL
4 water water
#
_entity_poly.entity_id   1
_entity_poly.type   'polypeptide(L)'
_entity_poly.pdbx_seq_one_letter_code
;APKNELVQKFQVYYLGNVPVAKPVGVDVINGALESVLSSSSREQWTPSHVSVAPATLTILHQQTEAVLGECRVRFLSFLA
VGRDVHTFAFIMAAGPASFCCHMFWCEPNAASLSEAVQAACMLRYQKCLDARSQHHHHHH
;
_entity_poly.pdbx_strand_id   A,B,C,D
#
loop_
_chem_comp.id
_chem_comp.type
_chem_comp.name
_chem_comp.formula
GOL non-polymer GLYCEROL 'C3 H8 O3'
SO4 non-polymer 'SULFATE ION' 'O4 S -2'
#
# COMPACT_ATOMS: atom_id res chain seq x y z
N LEU A 6 -19.18 -7.13 8.19
CA LEU A 6 -17.92 -7.43 7.52
C LEU A 6 -17.00 -8.17 8.47
N VAL A 7 -16.55 -7.48 9.52
CA VAL A 7 -15.78 -8.14 10.55
C VAL A 7 -16.67 -9.17 11.25
N GLN A 8 -16.12 -10.37 11.44
CA GLN A 8 -16.85 -11.45 12.10
C GLN A 8 -16.15 -11.81 13.40
N LYS A 9 -16.95 -12.17 14.40
CA LYS A 9 -16.47 -12.44 15.74
C LYS A 9 -16.80 -13.88 16.13
N PHE A 10 -15.85 -14.53 16.80
CA PHE A 10 -15.96 -15.93 17.16
C PHE A 10 -15.92 -16.07 18.67
N GLN A 11 -16.88 -16.81 19.23
CA GLN A 11 -16.90 -17.07 20.65
C GLN A 11 -15.79 -18.06 20.99
N VAL A 12 -14.89 -17.66 21.90
CA VAL A 12 -13.73 -18.46 22.25
C VAL A 12 -13.46 -18.38 23.74
N TYR A 13 -12.67 -19.33 24.23
CA TYR A 13 -11.94 -19.18 25.48
C TYR A 13 -10.54 -18.69 25.14
N TYR A 14 -10.16 -17.54 25.69
CA TYR A 14 -8.81 -17.03 25.51
C TYR A 14 -7.92 -17.63 26.59
N LEU A 15 -6.93 -18.41 26.17
CA LEU A 15 -6.03 -19.10 27.09
C LEU A 15 -4.82 -18.26 27.46
N GLY A 16 -4.73 -17.03 26.98
CA GLY A 16 -3.58 -16.20 27.23
C GLY A 16 -2.53 -16.31 26.15
N ASN A 17 -1.41 -15.63 26.40
CA ASN A 17 -0.29 -15.60 25.46
C ASN A 17 1.02 -15.83 26.21
N VAL A 18 1.91 -16.59 25.59
CA VAL A 18 3.20 -16.93 26.19
C VAL A 18 4.32 -16.58 25.22
N PRO A 19 5.51 -16.22 25.70
CA PRO A 19 6.66 -16.08 24.81
C PRO A 19 7.15 -17.44 24.35
N VAL A 20 7.67 -17.48 23.13
CA VAL A 20 8.12 -18.73 22.53
C VAL A 20 9.50 -18.50 21.89
N ALA A 21 10.16 -19.62 21.55
CA ALA A 21 11.54 -19.58 21.12
C ALA A 21 11.71 -19.38 19.63
N LYS A 22 10.74 -19.78 18.82
CA LYS A 22 10.81 -19.66 17.38
C LYS A 22 9.56 -18.94 16.86
N PRO A 23 9.65 -18.29 15.70
CA PRO A 23 8.46 -17.64 15.14
C PRO A 23 7.54 -18.59 14.40
N VAL A 24 7.97 -19.81 14.08
CA VAL A 24 7.19 -20.75 13.30
C VAL A 24 7.31 -22.15 13.89
N GLY A 25 6.34 -22.99 13.57
CA GLY A 25 6.41 -24.39 13.95
C GLY A 25 5.20 -24.94 14.69
N VAL A 26 4.73 -26.12 14.27
CA VAL A 26 3.68 -26.81 15.02
C VAL A 26 4.22 -27.29 16.36
N ASP A 27 5.52 -27.61 16.40
CA ASP A 27 6.16 -27.97 17.66
C ASP A 27 6.03 -26.86 18.70
N VAL A 28 6.18 -25.61 18.25
CA VAL A 28 6.15 -24.48 19.18
C VAL A 28 4.76 -24.28 19.75
N ILE A 29 3.75 -24.26 18.88
CA ILE A 29 2.38 -23.98 19.34
C ILE A 29 1.82 -25.16 20.12
N ASN A 30 2.28 -26.39 19.84
CA ASN A 30 1.83 -27.53 20.62
C ASN A 30 2.41 -27.48 22.03
N GLY A 31 3.69 -27.14 22.16
CA GLY A 31 4.28 -27.01 23.48
C GLY A 31 3.67 -25.86 24.27
N ALA A 32 3.31 -24.77 23.58
CA ALA A 32 2.70 -23.64 24.25
C ALA A 32 1.32 -23.99 24.77
N LEU A 33 0.53 -24.73 23.98
CA LEU A 33 -0.80 -25.12 24.41
C LEU A 33 -0.74 -26.06 25.60
N GLU A 34 0.19 -27.02 25.57
CA GLU A 34 0.32 -27.97 26.66
C GLU A 34 0.81 -27.33 27.95
N SER A 35 1.47 -26.17 27.86
CA SER A 35 1.80 -25.42 29.07
C SER A 35 0.54 -24.92 29.75
N VAL A 36 -0.43 -24.46 28.97
CA VAL A 36 -1.69 -23.96 29.51
C VAL A 36 -2.59 -25.11 29.95
N LEU A 37 -2.67 -26.18 29.16
CA LEU A 37 -3.59 -27.27 29.43
C LEU A 37 -3.18 -28.09 30.64
N SER A 38 -1.92 -28.04 31.05
CA SER A 38 -1.44 -28.86 32.15
C SER A 38 -1.61 -28.21 33.52
N SER A 39 -1.89 -26.92 33.58
CA SER A 39 -2.04 -26.23 34.87
C SER A 39 -3.34 -25.47 35.01
N SER A 40 -4.23 -25.52 34.03
CA SER A 40 -5.48 -24.78 34.10
C SER A 40 -6.53 -25.49 33.26
N SER A 41 -7.77 -25.42 33.71
CA SER A 41 -8.89 -26.08 33.07
C SER A 41 -9.76 -25.05 32.34
N ARG A 42 -10.90 -25.52 31.83
CA ARG A 42 -11.82 -24.65 31.10
C ARG A 42 -12.37 -23.53 31.99
N GLU A 43 -12.43 -23.77 33.30
CA GLU A 43 -13.03 -22.79 34.20
C GLU A 43 -12.13 -21.58 34.40
N GLN A 44 -10.81 -21.75 34.27
CA GLN A 44 -9.87 -20.65 34.44
C GLN A 44 -9.67 -19.83 33.17
N TRP A 45 -10.19 -20.28 32.03
CA TRP A 45 -9.97 -19.57 30.78
C TRP A 45 -10.98 -18.44 30.61
N THR A 46 -10.53 -17.36 29.97
CA THR A 46 -11.34 -16.15 29.86
C THR A 46 -12.27 -16.25 28.66
N PRO A 47 -13.58 -16.34 28.87
CA PRO A 47 -14.50 -16.37 27.72
C PRO A 47 -14.61 -14.98 27.09
N SER A 48 -14.51 -14.94 25.77
CA SER A 48 -14.44 -13.68 25.04
C SER A 48 -14.72 -13.94 23.57
N HIS A 49 -14.57 -12.89 22.77
CA HIS A 49 -14.74 -12.96 21.32
C HIS A 49 -13.45 -12.55 20.63
N VAL A 50 -13.21 -13.14 19.47
CA VAL A 50 -12.09 -12.77 18.60
C VAL A 50 -12.67 -12.21 17.31
N SER A 51 -12.40 -10.93 17.04
CA SER A 51 -12.85 -10.27 15.83
C SER A 51 -11.71 -10.25 14.82
N VAL A 52 -11.93 -10.84 13.65
CA VAL A 52 -10.93 -10.92 12.60
C VAL A 52 -11.21 -9.79 11.61
N ALA A 53 -10.46 -8.70 11.75
CA ALA A 53 -10.50 -7.54 10.87
C ALA A 53 -9.33 -7.57 9.90
N PRO A 54 -9.40 -6.82 8.80
CA PRO A 54 -8.29 -6.84 7.82
C PRO A 54 -6.90 -6.64 8.42
N ALA A 55 -6.74 -5.65 9.29
CA ALA A 55 -5.42 -5.31 9.80
C ALA A 55 -5.16 -5.79 11.22
N THR A 56 -6.21 -6.04 12.01
CA THR A 56 -6.04 -6.38 13.42
C THR A 56 -6.91 -7.57 13.80
N LEU A 57 -6.38 -8.40 14.70
CA LEU A 57 -7.16 -9.37 15.45
C LEU A 57 -7.34 -8.83 16.86
N THR A 58 -8.58 -8.68 17.29
CA THR A 58 -8.90 -8.13 18.60
C THR A 58 -9.53 -9.20 19.47
N ILE A 59 -8.94 -9.41 20.65
CA ILE A 59 -9.51 -10.28 21.67
C ILE A 59 -10.34 -9.40 22.60
N LEU A 60 -11.63 -9.68 22.65
CA LEU A 60 -12.63 -8.69 23.00
C LEU A 60 -13.72 -9.40 23.81
N HIS A 61 -14.18 -8.77 24.89
CA HIS A 61 -14.99 -9.50 25.87
C HIS A 61 -16.36 -9.82 25.32
N GLN A 62 -16.96 -10.88 25.90
CA GLN A 62 -18.07 -11.60 25.27
C GLN A 62 -19.35 -10.79 25.17
N GLN A 63 -19.52 -9.74 26.00
CA GLN A 63 -20.71 -8.90 25.92
C GLN A 63 -20.35 -7.44 26.20
N THR A 64 -19.48 -7.23 27.19
CA THR A 64 -19.09 -5.87 27.57
C THR A 64 -18.36 -5.16 26.43
N GLU A 65 -17.65 -5.90 25.60
CA GLU A 65 -16.78 -5.36 24.55
C GLU A 65 -15.68 -4.50 25.16
N ALA A 66 -14.87 -5.14 26.00
CA ALA A 66 -13.64 -4.57 26.55
C ALA A 66 -12.46 -5.38 26.02
N VAL A 67 -11.41 -4.67 25.60
CA VAL A 67 -10.34 -5.26 24.82
C VAL A 67 -9.35 -5.97 25.73
N LEU A 68 -9.09 -7.24 25.45
CA LEU A 68 -8.07 -8.01 26.15
C LEU A 68 -6.72 -8.01 25.44
N GLY A 69 -6.73 -7.70 24.15
CA GLY A 69 -5.49 -7.69 23.38
C GLY A 69 -5.79 -7.39 21.94
N GLU A 70 -4.76 -6.89 21.25
CA GLU A 70 -4.88 -6.51 19.84
C GLU A 70 -3.60 -6.88 19.12
N CYS A 71 -3.75 -7.58 18.00
CA CYS A 71 -2.61 -8.09 17.24
C CYS A 71 -2.73 -7.64 15.80
N ARG A 72 -1.66 -7.06 15.26
CA ARG A 72 -1.64 -6.64 13.87
C ARG A 72 -1.28 -7.82 12.97
N VAL A 73 -2.06 -8.01 11.91
CA VAL A 73 -1.88 -9.17 11.02
C VAL A 73 -0.49 -9.14 10.38
N ARG A 74 0.07 -7.95 10.16
CA ARG A 74 1.37 -7.84 9.52
C ARG A 74 2.48 -8.50 10.33
N PHE A 75 2.30 -8.64 11.64
CA PHE A 75 3.30 -9.27 12.50
C PHE A 75 3.01 -10.74 12.78
N LEU A 76 1.92 -11.28 12.22
CA LEU A 76 1.62 -12.69 12.38
C LEU A 76 2.60 -13.54 11.57
N SER A 77 3.23 -14.51 12.23
CA SER A 77 4.26 -15.32 11.60
C SER A 77 3.86 -16.77 11.41
N PHE A 78 2.87 -17.27 12.14
CA PHE A 78 2.48 -18.67 12.04
C PHE A 78 1.13 -18.85 12.74
N LEU A 79 0.36 -19.82 12.26
CA LEU A 79 -0.92 -20.18 12.87
C LEU A 79 -1.18 -21.66 12.59
N ALA A 80 -1.89 -22.29 13.52
CA ALA A 80 -2.18 -23.72 13.38
C ALA A 80 -3.24 -24.13 14.38
N VAL A 81 -4.07 -25.08 13.98
CA VAL A 81 -4.94 -25.80 14.90
C VAL A 81 -4.11 -26.86 15.60
N GLY A 82 -4.30 -27.01 16.91
CA GLY A 82 -3.53 -27.95 17.68
C GLY A 82 -3.90 -29.39 17.37
N ARG A 83 -3.22 -30.31 18.06
CA ARG A 83 -3.58 -31.72 17.96
C ARG A 83 -4.97 -31.97 18.50
N ASP A 84 -5.43 -31.14 19.44
CA ASP A 84 -6.83 -31.10 19.79
C ASP A 84 -7.55 -30.16 18.83
N VAL A 85 -8.62 -30.66 18.20
CA VAL A 85 -9.32 -29.88 17.19
C VAL A 85 -9.96 -28.62 17.80
N HIS A 86 -10.17 -28.59 19.11
CA HIS A 86 -10.71 -27.39 19.75
C HIS A 86 -9.68 -26.27 19.85
N THR A 87 -8.41 -26.62 20.01
CA THR A 87 -7.39 -25.61 20.27
C THR A 87 -6.91 -24.95 18.99
N PHE A 88 -6.57 -23.67 19.10
CA PHE A 88 -6.03 -22.91 17.98
C PHE A 88 -5.03 -21.90 18.53
N ALA A 89 -3.96 -21.65 17.77
CA ALA A 89 -2.94 -20.72 18.22
C ALA A 89 -2.30 -20.04 17.01
N PHE A 90 -1.77 -18.84 17.25
CA PHE A 90 -0.94 -18.15 16.28
C PHE A 90 0.22 -17.47 17.00
N ILE A 91 1.31 -17.27 16.28
CA ILE A 91 2.53 -16.68 16.83
C ILE A 91 2.69 -15.29 16.23
N MET A 92 2.96 -14.31 17.10
CA MET A 92 3.22 -12.94 16.70
C MET A 92 4.71 -12.65 16.80
N ALA A 93 5.28 -12.11 15.73
CA ALA A 93 6.68 -11.70 15.72
C ALA A 93 6.75 -10.28 16.28
N ALA A 94 6.87 -10.19 17.61
CA ALA A 94 6.88 -8.90 18.30
C ALA A 94 8.23 -8.22 18.28
N GLY A 95 8.93 -8.29 17.16
CA GLY A 95 10.22 -7.67 17.04
C GLY A 95 11.24 -8.57 16.36
N PRO A 96 12.52 -8.29 16.60
CA PRO A 96 13.59 -9.07 15.95
C PRO A 96 13.82 -10.42 16.63
N ALA A 97 13.65 -10.48 17.95
CA ALA A 97 13.82 -11.71 18.70
C ALA A 97 12.65 -12.02 19.62
N SER A 98 11.62 -11.19 19.64
CA SER A 98 10.49 -11.35 20.54
C SER A 98 9.35 -12.04 19.79
N PHE A 99 8.92 -13.21 20.28
CA PHE A 99 7.83 -13.94 19.68
C PHE A 99 6.80 -14.27 20.76
N CYS A 100 5.53 -14.08 20.44
CA CYS A 100 4.42 -14.31 21.36
C CYS A 100 3.41 -15.24 20.72
N CYS A 101 2.86 -16.15 21.51
CA CYS A 101 1.93 -17.18 21.04
C CYS A 101 0.60 -17.04 21.74
N HIS A 102 -0.44 -16.70 20.98
CA HIS A 102 -1.79 -16.54 21.50
C HIS A 102 -2.58 -17.82 21.28
N MET A 103 -3.30 -18.27 22.31
CA MET A 103 -3.93 -19.58 22.32
C MET A 103 -5.42 -19.45 22.59
N PHE A 104 -6.19 -20.38 22.01
CA PHE A 104 -7.65 -20.31 22.09
C PHE A 104 -8.25 -21.71 22.15
N TRP A 105 -9.45 -21.80 22.70
CA TRP A 105 -10.26 -23.00 22.70
C TRP A 105 -11.62 -22.66 22.10
N CYS A 106 -12.05 -23.46 21.12
CA CYS A 106 -13.23 -23.14 20.34
C CYS A 106 -14.21 -24.29 20.33
N GLU A 107 -15.49 -23.97 20.49
CA GLU A 107 -16.58 -24.92 20.28
C GLU A 107 -17.37 -24.49 19.04
N PRO A 108 -17.76 -25.45 18.18
CA PRO A 108 -17.52 -26.89 18.30
C PRO A 108 -16.07 -27.28 17.99
N ASN A 109 -15.41 -26.52 17.12
CA ASN A 109 -14.00 -26.71 16.84
C ASN A 109 -13.41 -25.37 16.40
N ALA A 110 -12.12 -25.40 16.04
CA ALA A 110 -11.39 -24.19 15.71
C ALA A 110 -11.17 -24.03 14.21
N ALA A 111 -11.78 -24.88 13.39
CA ALA A 111 -11.57 -24.81 11.95
C ALA A 111 -12.07 -23.49 11.36
N SER A 112 -13.25 -23.03 11.79
CA SER A 112 -13.80 -21.80 11.24
C SER A 112 -12.95 -20.59 11.61
N LEU A 113 -12.45 -20.55 12.85
CA LEU A 113 -11.65 -19.41 13.27
C LEU A 113 -10.30 -19.38 12.55
N SER A 114 -9.67 -20.53 12.36
CA SER A 114 -8.39 -20.58 11.68
C SER A 114 -8.52 -20.13 10.23
N GLU A 115 -9.61 -20.51 9.57
CA GLU A 115 -9.81 -20.11 8.18
C GLU A 115 -10.02 -18.60 8.07
N ALA A 116 -10.68 -18.00 9.04
CA ALA A 116 -10.86 -16.55 9.02
C ALA A 116 -9.53 -15.83 9.18
N VAL A 117 -8.65 -16.35 10.04
CA VAL A 117 -7.33 -15.75 10.21
C VAL A 117 -6.48 -15.97 8.96
N GLN A 118 -6.65 -17.12 8.29
CA GLN A 118 -5.91 -17.36 7.05
C GLN A 118 -6.35 -16.38 5.97
N ALA A 119 -7.67 -16.23 5.79
CA ALA A 119 -8.19 -15.25 4.84
C ALA A 119 -7.68 -13.85 5.16
N ALA A 120 -7.57 -13.53 6.46
CA ALA A 120 -7.03 -12.24 6.85
C ALA A 120 -5.57 -12.11 6.43
N CYS A 121 -4.83 -13.21 6.42
CA CYS A 121 -3.43 -13.18 6.03
C CYS A 121 -3.23 -13.28 4.53
N MET A 122 -4.22 -13.79 3.79
CA MET A 122 -4.04 -13.98 2.35
C MET A 122 -4.41 -12.73 1.57
N LEU A 123 -5.48 -12.05 1.95
CA LEU A 123 -6.02 -10.93 1.17
C LEU A 123 -5.49 -9.60 1.72
N ARG A 124 -4.18 -9.43 1.58
CA ARG A 124 -3.49 -8.23 2.03
C ARG A 124 -3.43 -7.20 0.91
N TYR A 125 -3.42 -5.93 1.31
CA TYR A 125 -3.12 -4.87 0.37
C TYR A 125 -1.60 -4.79 0.19
N GLN A 126 -1.14 -5.00 -1.04
CA GLN A 126 0.26 -4.83 -1.37
C GLN A 126 0.47 -3.45 -1.98
N LYS A 127 1.64 -2.87 -1.75
CA LYS A 127 1.98 -1.62 -2.39
C LYS A 127 2.55 -1.88 -3.78
N CYS A 128 1.94 -1.27 -4.79
CA CYS A 128 2.19 -1.58 -6.19
C CYS A 128 2.61 -0.31 -6.91
N LEU A 129 3.49 -0.46 -7.90
CA LEU A 129 3.99 0.71 -8.63
C LEU A 129 4.34 0.30 -10.05
N ASP A 130 3.61 0.84 -11.02
CA ASP A 130 3.96 0.70 -12.43
C ASP A 130 5.02 1.73 -12.78
N ALA A 131 6.21 1.27 -13.17
CA ALA A 131 7.35 2.13 -13.43
C ALA A 131 7.64 2.28 -14.92
N ARG A 132 6.80 1.73 -15.78
CA ARG A 132 7.06 1.77 -17.22
C ARG A 132 7.07 3.19 -17.74
N SER A 133 7.72 3.37 -18.89
CA SER A 133 8.01 4.67 -19.51
C SER A 133 7.00 5.78 -19.23
N LEU B 6 -24.21 -7.23 9.18
CA LEU B 6 -22.79 -6.99 8.94
C LEU B 6 -22.59 -6.05 7.75
N VAL B 7 -22.63 -4.74 8.00
CA VAL B 7 -22.53 -3.74 6.95
C VAL B 7 -21.72 -2.56 7.46
N GLN B 8 -21.15 -1.81 6.52
CA GLN B 8 -20.53 -0.52 6.79
C GLN B 8 -20.79 0.39 5.59
N LYS B 9 -21.06 1.67 5.89
CA LYS B 9 -21.48 2.64 4.88
C LYS B 9 -20.49 3.80 4.82
N PHE B 10 -20.40 4.41 3.63
CA PHE B 10 -19.40 5.43 3.34
C PHE B 10 -19.97 6.47 2.41
N GLN B 11 -19.78 7.75 2.76
CA GLN B 11 -20.18 8.86 1.90
C GLN B 11 -19.08 9.13 0.87
N VAL B 12 -19.40 8.93 -0.41
CA VAL B 12 -18.42 9.01 -1.50
C VAL B 12 -19.04 9.73 -2.68
N TYR B 13 -18.21 10.03 -3.66
CA TYR B 13 -18.64 10.42 -5.00
C TYR B 13 -18.48 9.22 -5.92
N TYR B 14 -19.52 8.88 -6.67
CA TYR B 14 -19.48 7.76 -7.58
C TYR B 14 -19.02 8.26 -8.95
N LEU B 15 -17.83 7.83 -9.36
CA LEU B 15 -17.23 8.28 -10.61
C LEU B 15 -17.71 7.50 -11.83
N GLY B 16 -18.42 6.40 -11.64
CA GLY B 16 -19.02 5.67 -12.74
C GLY B 16 -18.44 4.28 -12.88
N ASN B 17 -18.94 3.59 -13.91
CA ASN B 17 -18.56 2.21 -14.21
C ASN B 17 -18.13 2.15 -15.66
N VAL B 18 -16.90 1.70 -15.90
CA VAL B 18 -16.35 1.67 -17.25
C VAL B 18 -15.86 0.27 -17.59
N PRO B 19 -15.97 -0.17 -18.85
CA PRO B 19 -15.41 -1.46 -19.22
C PRO B 19 -13.88 -1.41 -19.24
N VAL B 20 -13.28 -2.54 -18.90
CA VAL B 20 -11.84 -2.69 -18.90
C VAL B 20 -11.49 -3.99 -19.63
N ALA B 21 -10.21 -4.11 -19.98
CA ALA B 21 -9.75 -5.21 -20.81
C ALA B 21 -9.34 -6.44 -20.02
N LYS B 22 -8.83 -6.27 -18.80
CA LYS B 22 -8.26 -7.37 -18.05
C LYS B 22 -8.80 -7.37 -16.63
N PRO B 23 -8.84 -8.54 -15.97
CA PRO B 23 -9.43 -8.63 -14.63
C PRO B 23 -8.58 -8.04 -13.53
N VAL B 24 -7.28 -7.84 -13.76
CA VAL B 24 -6.38 -7.31 -12.75
C VAL B 24 -5.49 -6.25 -13.40
N GLY B 25 -4.92 -5.39 -12.56
CA GLY B 25 -4.01 -4.38 -13.06
C GLY B 25 -4.13 -3.02 -12.40
N VAL B 26 -3.03 -2.53 -11.81
CA VAL B 26 -2.98 -1.11 -11.45
C VAL B 26 -2.94 -0.28 -12.73
N ASP B 27 -2.33 -0.80 -13.79
CA ASP B 27 -2.38 -0.14 -15.09
C ASP B 27 -3.81 -0.06 -15.60
N VAL B 28 -4.58 -1.13 -15.39
CA VAL B 28 -5.95 -1.16 -15.89
C VAL B 28 -6.82 -0.16 -15.13
N ILE B 29 -6.69 -0.11 -13.81
CA ILE B 29 -7.50 0.82 -13.02
C ILE B 29 -6.99 2.25 -13.15
N ASN B 30 -5.72 2.44 -13.49
CA ASN B 30 -5.23 3.80 -13.72
C ASN B 30 -5.80 4.38 -15.01
N GLY B 31 -5.86 3.56 -16.06
CA GLY B 31 -6.47 4.02 -17.29
C GLY B 31 -7.96 4.24 -17.14
N ALA B 32 -8.61 3.42 -16.32
CA ALA B 32 -10.04 3.59 -16.07
C ALA B 32 -10.32 4.90 -15.35
N LEU B 33 -9.51 5.21 -14.34
CA LEU B 33 -9.71 6.46 -13.59
C LEU B 33 -9.39 7.69 -14.44
N GLU B 34 -8.39 7.58 -15.31
CA GLU B 34 -8.06 8.71 -16.19
C GLU B 34 -9.18 8.99 -17.18
N SER B 35 -9.91 7.95 -17.60
CA SER B 35 -11.04 8.16 -18.49
C SER B 35 -12.11 9.02 -17.83
N VAL B 36 -12.23 8.95 -16.52
CA VAL B 36 -13.30 9.63 -15.79
C VAL B 36 -12.83 10.90 -15.10
N LEU B 37 -11.61 10.89 -14.54
CA LEU B 37 -11.11 12.04 -13.81
C LEU B 37 -10.84 13.24 -14.71
N SER B 38 -10.73 13.04 -16.03
CA SER B 38 -10.54 14.16 -16.94
C SER B 38 -11.84 14.91 -17.21
N SER B 39 -12.99 14.32 -16.89
CA SER B 39 -14.27 14.97 -17.07
C SER B 39 -14.92 15.25 -15.72
N GLN B 44 -20.22 16.58 -12.51
CA GLN B 44 -21.15 15.48 -12.69
C GLN B 44 -20.69 14.24 -11.93
N TRP B 45 -20.09 14.46 -10.76
CA TRP B 45 -19.75 13.38 -9.84
C TRP B 45 -20.98 13.14 -8.96
N THR B 46 -21.53 11.92 -9.05
CA THR B 46 -22.75 11.61 -8.32
C THR B 46 -22.46 11.43 -6.84
N PRO B 47 -22.91 12.33 -5.98
CA PRO B 47 -22.74 12.12 -4.54
C PRO B 47 -23.60 10.95 -4.07
N SER B 48 -22.94 9.99 -3.42
CA SER B 48 -23.59 8.72 -3.12
C SER B 48 -23.03 8.16 -1.82
N HIS B 49 -23.62 7.07 -1.36
CA HIS B 49 -23.07 6.32 -0.24
C HIS B 49 -23.10 4.83 -0.57
N VAL B 50 -22.00 4.15 -0.23
CA VAL B 50 -21.77 2.75 -0.58
C VAL B 50 -21.99 1.89 0.66
N SER B 51 -22.77 0.82 0.50
CA SER B 51 -23.01 -0.15 1.57
C SER B 51 -22.26 -1.43 1.27
N VAL B 52 -21.33 -1.78 2.14
CA VAL B 52 -20.49 -2.96 1.98
C VAL B 52 -21.08 -4.09 2.83
N ALA B 53 -21.64 -5.09 2.18
CA ALA B 53 -22.19 -6.27 2.82
C ALA B 53 -21.39 -7.50 2.40
N PRO B 54 -21.44 -8.59 3.17
CA PRO B 54 -20.65 -9.78 2.80
C PRO B 54 -20.91 -10.29 1.39
N ALA B 55 -22.13 -10.16 0.90
CA ALA B 55 -22.47 -10.71 -0.42
C ALA B 55 -22.59 -9.64 -1.50
N THR B 56 -23.01 -8.42 -1.16
CA THR B 56 -23.29 -7.41 -2.16
C THR B 56 -22.57 -6.11 -1.83
N LEU B 57 -22.27 -5.35 -2.89
CA LEU B 57 -21.82 -3.97 -2.79
C LEU B 57 -22.88 -3.10 -3.47
N THR B 58 -23.48 -2.19 -2.72
CA THR B 58 -24.61 -1.41 -3.20
C THR B 58 -24.25 0.07 -3.21
N ILE B 59 -24.50 0.73 -4.35
CA ILE B 59 -24.20 2.15 -4.54
C ILE B 59 -25.52 2.89 -4.67
N LEU B 60 -25.76 3.82 -3.75
CA LEU B 60 -27.04 4.51 -3.63
C LEU B 60 -26.84 6.02 -3.67
N HIS B 61 -27.72 6.71 -4.39
CA HIS B 61 -27.72 8.17 -4.40
C HIS B 61 -27.85 8.68 -2.97
N GLN B 62 -27.19 9.81 -2.69
CA GLN B 62 -26.91 10.19 -1.31
C GLN B 62 -28.18 10.43 -0.50
N GLN B 63 -29.14 11.16 -1.06
CA GLN B 63 -30.41 11.43 -0.40
C GLN B 63 -31.56 10.61 -0.96
N THR B 64 -31.64 10.51 -2.29
CA THR B 64 -32.69 9.73 -2.93
C THR B 64 -32.63 8.27 -2.50
N GLU B 65 -31.44 7.76 -2.21
CA GLU B 65 -31.17 6.33 -2.00
C GLU B 65 -31.58 5.50 -3.20
N ALA B 66 -31.68 6.12 -4.37
CA ALA B 66 -31.89 5.39 -5.60
C ALA B 66 -30.64 4.59 -5.95
N VAL B 67 -30.85 3.44 -6.60
CA VAL B 67 -29.77 2.51 -6.86
C VAL B 67 -28.98 2.98 -8.08
N LEU B 68 -27.70 3.25 -7.88
CA LEU B 68 -26.80 3.53 -8.99
C LEU B 68 -26.12 2.26 -9.51
N GLY B 69 -25.91 1.28 -8.63
CA GLY B 69 -25.31 0.02 -9.02
C GLY B 69 -25.19 -0.95 -7.86
N GLU B 70 -25.21 -2.25 -8.16
CA GLU B 70 -25.02 -3.28 -7.15
C GLU B 70 -24.16 -4.40 -7.72
N CYS B 71 -23.19 -4.86 -6.93
CA CYS B 71 -22.20 -5.82 -7.39
C CYS B 71 -22.10 -6.97 -6.41
N ARG B 72 -22.21 -8.20 -6.91
CA ARG B 72 -21.97 -9.37 -6.09
C ARG B 72 -20.48 -9.47 -5.76
N VAL B 73 -20.18 -9.73 -4.49
CA VAL B 73 -18.79 -9.76 -4.05
C VAL B 73 -18.01 -10.85 -4.78
N ARG B 74 -18.65 -11.99 -5.03
CA ARG B 74 -17.98 -13.12 -5.66
C ARG B 74 -17.45 -12.81 -7.05
N PHE B 75 -17.90 -11.72 -7.67
CA PHE B 75 -17.40 -11.33 -8.98
C PHE B 75 -16.23 -10.36 -8.92
N LEU B 76 -15.84 -9.91 -7.73
CA LEU B 76 -14.72 -8.99 -7.61
C LEU B 76 -13.41 -9.70 -7.89
N SER B 77 -12.57 -9.08 -8.73
CA SER B 77 -11.30 -9.66 -9.14
C SER B 77 -10.08 -8.86 -8.73
N PHE B 78 -10.25 -7.59 -8.36
CA PHE B 78 -9.11 -6.72 -8.08
C PHE B 78 -9.60 -5.47 -7.36
N LEU B 79 -8.89 -5.07 -6.31
CA LEU B 79 -9.16 -3.82 -5.60
C LEU B 79 -7.88 -2.99 -5.57
N ALA B 80 -8.03 -1.67 -5.64
CA ALA B 80 -6.86 -0.82 -5.70
C ALA B 80 -7.20 0.62 -5.36
N VAL B 81 -6.30 1.28 -4.63
CA VAL B 81 -6.30 2.72 -4.52
C VAL B 81 -5.53 3.30 -5.70
N GLY B 82 -5.93 4.47 -6.17
CA GLY B 82 -5.27 5.11 -7.28
C GLY B 82 -4.04 5.88 -6.85
N ARG B 83 -3.39 6.51 -7.84
CA ARG B 83 -2.27 7.39 -7.52
C ARG B 83 -2.73 8.60 -6.71
N ASP B 84 -3.95 9.07 -6.93
CA ASP B 84 -4.57 10.04 -6.03
C ASP B 84 -5.14 9.29 -4.84
N VAL B 85 -4.75 9.73 -3.64
CA VAL B 85 -5.11 9.01 -2.42
C VAL B 85 -6.61 9.02 -2.17
N HIS B 86 -7.35 9.91 -2.83
CA HIS B 86 -8.80 9.96 -2.66
C HIS B 86 -9.51 8.87 -3.46
N THR B 87 -8.91 8.38 -4.53
CA THR B 87 -9.61 7.49 -5.45
C THR B 87 -9.54 6.04 -5.00
N PHE B 88 -10.60 5.30 -5.31
CA PHE B 88 -10.66 3.86 -5.09
C PHE B 88 -11.41 3.22 -6.24
N ALA B 89 -10.97 2.02 -6.63
CA ALA B 89 -11.58 1.32 -7.76
C ALA B 89 -11.47 -0.17 -7.53
N PHE B 90 -12.40 -0.91 -8.15
CA PHE B 90 -12.33 -2.36 -8.19
C PHE B 90 -12.81 -2.86 -9.53
N ILE B 91 -12.30 -4.03 -9.93
CA ILE B 91 -12.66 -4.67 -11.18
C ILE B 91 -13.51 -5.89 -10.86
N MET B 92 -14.57 -6.09 -11.65
CA MET B 92 -15.45 -7.24 -11.48
C MET B 92 -15.69 -7.90 -12.84
N ALA B 93 -16.12 -9.16 -12.79
CA ALA B 93 -16.42 -9.91 -14.00
C ALA B 93 -17.79 -9.50 -14.51
N ALA B 94 -17.82 -8.74 -15.61
CA ALA B 94 -19.05 -8.31 -16.24
C ALA B 94 -19.34 -9.23 -17.42
N GLY B 95 -20.42 -10.00 -17.31
CA GLY B 95 -20.77 -10.95 -18.34
C GLY B 95 -19.87 -12.17 -18.32
N PRO B 96 -19.86 -12.93 -19.41
CA PRO B 96 -19.12 -14.19 -19.42
C PRO B 96 -17.62 -14.02 -19.66
N ALA B 97 -17.22 -12.97 -20.40
CA ALA B 97 -15.81 -12.80 -20.74
C ALA B 97 -15.31 -11.37 -20.63
N SER B 98 -16.14 -10.41 -20.25
CA SER B 98 -15.72 -9.03 -20.15
C SER B 98 -15.46 -8.63 -18.70
N PHE B 99 -15.05 -7.38 -18.51
CA PHE B 99 -14.76 -6.85 -17.18
C PHE B 99 -15.14 -5.37 -17.15
N CYS B 100 -15.46 -4.89 -15.96
CA CYS B 100 -15.78 -3.48 -15.76
C CYS B 100 -15.22 -3.01 -14.43
N CYS B 101 -15.05 -1.69 -14.31
CA CYS B 101 -14.39 -1.08 -13.15
C CYS B 101 -15.28 0.00 -12.57
N HIS B 102 -15.62 -0.15 -11.30
CA HIS B 102 -16.37 0.87 -10.56
C HIS B 102 -15.39 1.74 -9.78
N MET B 103 -15.54 3.06 -9.90
CA MET B 103 -14.58 4.00 -9.35
C MET B 103 -15.28 4.96 -8.39
N PHE B 104 -14.53 5.39 -7.37
CA PHE B 104 -15.08 6.21 -6.30
C PHE B 104 -14.07 7.28 -5.89
N TRP B 105 -14.59 8.39 -5.40
CA TRP B 105 -13.80 9.47 -4.81
C TRP B 105 -14.20 9.63 -3.35
N CYS B 106 -13.22 9.61 -2.46
CA CYS B 106 -13.49 9.53 -1.03
C CYS B 106 -12.79 10.66 -0.28
N GLU B 107 -13.49 11.24 0.68
CA GLU B 107 -12.92 12.20 1.61
C GLU B 107 -12.97 11.62 3.02
N PRO B 108 -11.89 11.83 3.80
CA PRO B 108 -10.67 12.55 3.45
C PRO B 108 -9.76 11.74 2.52
N ASN B 109 -9.93 10.43 2.54
CA ASN B 109 -9.20 9.54 1.65
C ASN B 109 -10.00 8.24 1.52
N ALA B 110 -9.42 7.28 0.80
CA ALA B 110 -10.14 6.06 0.41
C ALA B 110 -9.74 4.86 1.26
N ALA B 111 -9.14 5.08 2.43
CA ALA B 111 -8.68 3.96 3.24
C ALA B 111 -9.85 3.17 3.83
N SER B 112 -10.83 3.88 4.41
CA SER B 112 -11.94 3.20 5.07
C SER B 112 -12.72 2.33 4.09
N LEU B 113 -13.03 2.86 2.91
CA LEU B 113 -13.76 2.08 1.92
C LEU B 113 -12.94 0.89 1.42
N SER B 114 -11.63 1.10 1.19
CA SER B 114 -10.79 0.03 0.68
C SER B 114 -10.71 -1.14 1.66
N GLU B 115 -10.73 -0.85 2.96
CA GLU B 115 -10.66 -1.90 3.96
C GLU B 115 -11.97 -2.66 4.10
N ALA B 116 -13.11 -1.97 3.88
CA ALA B 116 -14.40 -2.63 3.99
C ALA B 116 -14.62 -3.61 2.84
N VAL B 117 -14.32 -3.19 1.61
CA VAL B 117 -14.41 -4.10 0.48
C VAL B 117 -13.42 -5.25 0.65
N GLN B 118 -12.22 -4.95 1.17
CA GLN B 118 -11.26 -6.01 1.47
C GLN B 118 -11.83 -6.98 2.50
N ALA B 119 -12.52 -6.47 3.51
CA ALA B 119 -13.18 -7.34 4.49
C ALA B 119 -14.26 -8.20 3.84
N ALA B 120 -15.00 -7.65 2.88
CA ALA B 120 -16.02 -8.43 2.20
C ALA B 120 -15.39 -9.55 1.38
N CYS B 121 -14.29 -9.26 0.68
CA CYS B 121 -13.58 -10.30 -0.07
C CYS B 121 -13.02 -11.37 0.85
N MET B 122 -12.63 -11.00 2.07
CA MET B 122 -12.13 -11.99 3.03
C MET B 122 -13.22 -12.98 3.40
N LEU B 123 -14.45 -12.50 3.60
CA LEU B 123 -15.58 -13.39 3.90
C LEU B 123 -15.88 -14.33 2.73
N ARG B 124 -15.64 -13.87 1.50
CA ARG B 124 -15.82 -14.73 0.34
C ARG B 124 -14.72 -15.79 0.24
N TYR B 125 -13.47 -15.37 0.42
CA TYR B 125 -12.35 -16.31 0.36
C TYR B 125 -12.39 -17.32 1.50
N GLN B 126 -12.94 -16.95 2.65
CA GLN B 126 -13.14 -17.89 3.74
C GLN B 126 -14.27 -18.85 3.47
N LYS B 127 -15.31 -18.40 2.78
CA LYS B 127 -16.40 -19.29 2.37
C LYS B 127 -15.89 -20.44 1.53
N CYS B 128 -14.90 -20.18 0.67
CA CYS B 128 -14.30 -21.20 -0.19
C CYS B 128 -13.21 -21.99 0.50
N LEU B 129 -13.03 -21.81 1.82
CA LEU B 129 -12.17 -22.66 2.62
C LEU B 129 -12.94 -23.70 3.41
N ASP B 130 -14.10 -23.30 3.96
CA ASP B 130 -15.01 -24.23 4.62
C ASP B 130 -15.75 -25.11 3.62
N ALA B 131 -15.46 -24.98 2.33
CA ALA B 131 -16.07 -25.81 1.30
C ALA B 131 -15.21 -27.02 0.94
N ARG B 132 -14.06 -27.20 1.58
CA ARG B 132 -13.17 -28.30 1.28
C ARG B 132 -12.62 -28.94 2.57
N LEU C 6 24.69 9.85 -5.89
CA LEU C 6 23.85 9.78 -4.70
C LEU C 6 23.44 8.33 -4.44
N VAL C 7 23.31 7.97 -3.17
CA VAL C 7 23.08 6.58 -2.79
C VAL C 7 22.13 6.46 -1.60
N GLN C 8 21.54 5.28 -1.44
CA GLN C 8 21.03 4.75 -0.19
C GLN C 8 21.36 3.27 -0.19
N LYS C 9 21.85 2.78 0.95
CA LYS C 9 22.37 1.43 1.07
C LYS C 9 21.60 0.67 2.13
N PHE C 10 21.42 -0.64 1.91
CA PHE C 10 20.53 -1.45 2.72
C PHE C 10 21.10 -2.83 3.00
N GLN C 11 20.81 -3.35 4.18
CA GLN C 11 21.20 -4.69 4.58
C GLN C 11 19.98 -5.59 4.45
N VAL C 12 19.95 -6.43 3.41
CA VAL C 12 18.82 -7.30 3.12
C VAL C 12 19.33 -8.68 2.73
N TYR C 13 18.40 -9.62 2.63
CA TYR C 13 18.65 -10.93 2.04
C TYR C 13 18.21 -10.91 0.59
N TYR C 14 19.08 -11.38 -0.30
CA TYR C 14 18.77 -11.46 -1.73
C TYR C 14 18.27 -12.87 -2.03
N LEU C 15 17.01 -12.99 -2.42
CA LEU C 15 16.41 -14.28 -2.70
C LEU C 15 16.68 -14.77 -4.12
N GLY C 16 17.32 -13.95 -4.96
CA GLY C 16 17.61 -14.34 -6.32
C GLY C 16 16.66 -13.70 -7.31
N ASN C 17 16.73 -14.22 -8.54
CA ASN C 17 15.89 -13.74 -9.62
C ASN C 17 15.35 -14.90 -10.44
N VAL C 18 14.16 -14.72 -10.97
CA VAL C 18 13.50 -15.72 -11.80
C VAL C 18 12.94 -15.07 -13.05
N PRO C 19 12.78 -15.80 -14.15
CA PRO C 19 12.05 -15.24 -15.29
C PRO C 19 10.56 -15.20 -15.00
N VAL C 20 9.90 -14.18 -15.54
CA VAL C 20 8.47 -13.98 -15.34
C VAL C 20 7.81 -13.71 -16.68
N ALA C 21 6.47 -13.85 -16.70
CA ALA C 21 5.73 -13.82 -17.95
C ALA C 21 5.46 -12.41 -18.44
N LYS C 22 5.17 -11.49 -17.54
CA LYS C 22 4.72 -10.15 -17.89
C LYS C 22 5.63 -9.11 -17.27
N PRO C 23 5.63 -7.88 -17.79
CA PRO C 23 6.41 -6.81 -17.16
C PRO C 23 5.77 -6.25 -15.91
N VAL C 24 4.48 -6.44 -15.70
CA VAL C 24 3.77 -5.88 -14.55
C VAL C 24 2.88 -6.96 -13.96
N GLY C 25 2.51 -6.77 -12.69
CA GLY C 25 1.59 -7.68 -12.04
C GLY C 25 1.93 -8.06 -10.62
N VAL C 26 0.97 -7.93 -9.71
CA VAL C 26 1.17 -8.52 -8.39
C VAL C 26 0.94 -10.02 -8.46
N ASP C 27 0.10 -10.48 -9.38
CA ASP C 27 -0.02 -11.91 -9.63
C ASP C 27 1.31 -12.47 -10.11
N VAL C 28 2.03 -11.71 -10.95
CA VAL C 28 3.34 -12.14 -11.43
C VAL C 28 4.33 -12.18 -10.28
N ILE C 29 4.30 -11.15 -9.42
CA ILE C 29 5.29 -11.03 -8.35
C ILE C 29 5.00 -12.01 -7.22
N ASN C 30 3.72 -12.24 -6.90
CA ASN C 30 3.39 -13.19 -5.84
C ASN C 30 3.84 -14.60 -6.19
N GLY C 31 3.60 -15.02 -7.44
CA GLY C 31 4.06 -16.33 -7.87
C GLY C 31 5.57 -16.45 -7.89
N ALA C 32 6.26 -15.36 -8.17
CA ALA C 32 7.72 -15.36 -8.13
C ALA C 32 8.22 -15.54 -6.70
N LEU C 33 7.60 -14.86 -5.75
CA LEU C 33 8.04 -14.97 -4.36
C LEU C 33 7.73 -16.33 -3.78
N GLU C 34 6.56 -16.89 -4.11
CA GLU C 34 6.22 -18.23 -3.64
C GLU C 34 7.17 -19.28 -4.20
N SER C 35 7.72 -19.04 -5.39
CA SER C 35 8.68 -19.99 -5.95
C SER C 35 9.97 -20.03 -5.14
N VAL C 36 10.34 -18.92 -4.50
CA VAL C 36 11.63 -18.83 -3.83
C VAL C 36 11.48 -18.90 -2.31
N LEU C 37 10.37 -18.40 -1.78
CA LEU C 37 10.17 -18.42 -0.33
C LEU C 37 10.00 -19.82 0.22
N SER C 38 9.54 -20.77 -0.60
CA SER C 38 9.27 -22.13 -0.15
C SER C 38 10.26 -23.17 -0.67
N SER C 39 11.02 -22.85 -1.72
CA SER C 39 12.06 -23.75 -2.21
C SER C 39 13.45 -23.31 -1.75
N SER C 40 13.53 -22.36 -0.82
CA SER C 40 14.79 -21.87 -0.29
C SER C 40 14.62 -21.57 1.19
N SER C 41 15.66 -21.85 1.97
CA SER C 41 15.58 -21.77 3.42
C SER C 41 16.32 -20.54 3.94
N ARG C 42 16.10 -20.28 5.24
CA ARG C 42 16.58 -19.04 5.85
C ARG C 42 18.10 -18.94 5.87
N GLU C 43 18.81 -20.05 5.68
CA GLU C 43 20.27 -20.05 5.71
C GLU C 43 20.91 -20.00 4.34
N GLN C 44 20.26 -20.57 3.32
CA GLN C 44 20.73 -20.44 1.94
C GLN C 44 20.23 -19.16 1.28
N TRP C 45 19.76 -18.19 2.07
CA TRP C 45 19.49 -16.85 1.58
C TRP C 45 20.78 -16.05 1.69
N THR C 46 21.23 -15.49 0.58
CA THR C 46 22.50 -14.77 0.57
C THR C 46 22.34 -13.42 1.26
N PRO C 47 22.97 -13.20 2.42
CA PRO C 47 22.93 -11.86 3.03
C PRO C 47 23.63 -10.86 2.13
N SER C 48 22.97 -9.74 1.87
CA SER C 48 23.36 -8.89 0.76
C SER C 48 23.44 -7.43 1.19
N HIS C 49 24.07 -6.64 0.32
CA HIS C 49 24.17 -5.19 0.47
C HIS C 49 23.68 -4.58 -0.84
N VAL C 50 22.58 -3.84 -0.77
CA VAL C 50 21.95 -3.24 -1.95
C VAL C 50 22.29 -1.75 -1.98
N SER C 51 22.94 -1.33 -3.07
CA SER C 51 23.31 0.07 -3.29
C SER C 51 22.39 0.64 -4.36
N VAL C 52 21.52 1.57 -3.97
CA VAL C 52 20.54 2.16 -4.88
C VAL C 52 21.09 3.50 -5.34
N ALA C 53 21.39 3.61 -6.63
CA ALA C 53 21.93 4.79 -7.26
C ALA C 53 21.00 5.26 -8.38
N PRO C 54 21.17 6.50 -8.87
CA PRO C 54 20.28 6.98 -9.94
C PRO C 54 20.18 6.06 -11.15
N ALA C 55 21.30 5.48 -11.57
CA ALA C 55 21.31 4.67 -12.80
C ALA C 55 21.32 3.18 -12.55
N THR C 56 21.82 2.72 -11.40
CA THR C 56 22.03 1.30 -11.19
C THR C 56 21.60 0.88 -9.79
N LEU C 57 21.01 -0.31 -9.71
CA LEU C 57 20.83 -1.02 -8.44
C LEU C 57 21.87 -2.13 -8.39
N THR C 58 22.72 -2.11 -7.36
CA THR C 58 23.83 -3.05 -7.25
C THR C 58 23.62 -3.93 -6.03
N ILE C 59 23.74 -5.24 -6.23
CA ILE C 59 23.49 -6.24 -5.19
C ILE C 59 24.80 -6.96 -4.93
N LEU C 60 25.34 -6.80 -3.72
CA LEU C 60 26.64 -7.35 -3.35
C LEU C 60 26.49 -8.28 -2.16
N HIS C 61 27.29 -9.34 -2.14
CA HIS C 61 27.40 -10.18 -0.95
C HIS C 61 27.82 -9.31 0.23
N GLN C 62 27.20 -9.56 1.38
CA GLN C 62 27.29 -8.60 2.49
C GLN C 62 28.73 -8.37 2.93
N GLN C 63 29.53 -9.43 3.00
CA GLN C 63 30.92 -9.31 3.44
C GLN C 63 31.89 -9.27 2.27
N THR C 64 31.96 -10.33 1.46
CA THR C 64 32.92 -10.38 0.36
C THR C 64 32.70 -9.26 -0.66
N GLU C 65 31.51 -8.66 -0.68
CA GLU C 65 31.15 -7.65 -1.67
C GLU C 65 31.28 -8.18 -3.10
N ALA C 66 31.15 -9.50 -3.25
CA ALA C 66 31.08 -10.10 -4.56
C ALA C 66 29.75 -9.78 -5.22
N VAL C 67 29.76 -9.66 -6.53
CA VAL C 67 28.59 -9.22 -7.28
C VAL C 67 27.60 -10.37 -7.41
N LEU C 68 26.43 -10.21 -6.77
CA LEU C 68 25.32 -11.14 -6.93
C LEU C 68 24.41 -10.76 -8.07
N GLY C 69 24.41 -9.48 -8.45
CA GLY C 69 23.57 -8.99 -9.53
C GLY C 69 23.63 -7.48 -9.66
N GLU C 70 23.34 -6.97 -10.84
CA GLU C 70 23.27 -5.53 -11.07
C GLU C 70 22.15 -5.24 -12.06
N CYS C 71 21.33 -4.24 -11.73
CA CYS C 71 20.16 -3.90 -12.52
C CYS C 71 20.16 -2.40 -12.81
N ARG C 72 19.95 -2.04 -14.07
CA ARG C 72 19.89 -0.65 -14.46
C ARG C 72 18.46 -0.14 -14.29
N VAL C 73 18.34 1.05 -13.68
CA VAL C 73 17.03 1.58 -13.29
C VAL C 73 16.12 1.72 -14.51
N ARG C 74 16.69 2.09 -15.65
CA ARG C 74 15.90 2.37 -16.85
C ARG C 74 15.01 1.21 -17.27
N PHE C 75 15.37 -0.03 -16.91
CA PHE C 75 14.64 -1.20 -17.31
C PHE C 75 13.65 -1.69 -16.24
N LEU C 76 13.51 -0.94 -15.14
CA LEU C 76 12.53 -1.26 -14.11
C LEU C 76 11.12 -1.01 -14.63
N SER C 77 10.25 -2.01 -14.55
CA SER C 77 8.89 -1.89 -15.05
C SER C 77 7.82 -2.02 -13.97
N PHE C 78 8.16 -2.55 -12.80
CA PHE C 78 7.16 -2.77 -11.77
C PHE C 78 7.86 -2.99 -10.44
N LEU C 79 7.28 -2.41 -9.38
CA LEU C 79 7.79 -2.57 -8.02
C LEU C 79 6.63 -2.98 -7.12
N ALA C 80 6.94 -3.78 -6.09
CA ALA C 80 5.88 -4.24 -5.20
C ALA C 80 6.46 -4.80 -3.91
N VAL C 81 5.82 -4.43 -2.80
CA VAL C 81 5.94 -5.18 -1.55
C VAL C 81 4.98 -6.35 -1.61
N GLY C 82 5.40 -7.50 -1.08
CA GLY C 82 4.55 -8.67 -1.09
C GLY C 82 3.47 -8.61 -0.04
N ARG C 83 2.66 -9.68 -0.01
CA ARG C 83 1.73 -9.87 1.09
C ARG C 83 2.47 -9.88 2.42
N ASP C 84 3.69 -10.42 2.44
CA ASP C 84 4.56 -10.29 3.59
C ASP C 84 5.25 -8.93 3.53
N VAL C 85 5.19 -8.19 4.64
CA VAL C 85 5.74 -6.84 4.68
C VAL C 85 7.27 -6.86 4.52
N HIS C 86 7.92 -7.99 4.82
CA HIS C 86 9.37 -8.06 4.67
C HIS C 86 9.79 -8.15 3.20
N THR C 87 8.98 -8.76 2.35
CA THR C 87 9.41 -9.06 0.99
C THR C 87 9.25 -7.85 0.07
N PHE C 88 10.20 -7.74 -0.87
CA PHE C 88 10.16 -6.72 -1.91
C PHE C 88 10.67 -7.35 -3.20
N ALA C 89 10.07 -6.94 -4.33
CA ALA C 89 10.45 -7.49 -5.62
C ALA C 89 10.24 -6.44 -6.70
N PHE C 90 10.98 -6.59 -7.80
CA PHE C 90 10.80 -5.73 -8.97
C PHE C 90 11.01 -6.56 -10.22
N ILE C 91 10.44 -6.07 -11.33
CA ILE C 91 10.51 -6.74 -12.62
C ILE C 91 11.40 -5.93 -13.55
N MET C 92 12.24 -6.63 -14.30
CA MET C 92 13.20 -6.01 -15.20
C MET C 92 12.91 -6.39 -16.65
N ALA C 93 13.24 -5.49 -17.56
CA ALA C 93 13.21 -5.79 -18.99
C ALA C 93 14.53 -6.48 -19.32
N ALA C 94 14.50 -7.82 -19.29
CA ALA C 94 15.70 -8.62 -19.45
C ALA C 94 16.05 -8.91 -20.89
N GLY C 95 15.10 -8.75 -21.82
CA GLY C 95 15.34 -9.02 -23.21
C GLY C 95 14.32 -8.37 -24.13
N PRO C 96 14.27 -8.84 -25.38
CA PRO C 96 13.30 -8.30 -26.34
C PRO C 96 11.86 -8.54 -25.91
N ALA C 97 11.55 -9.79 -25.55
CA ALA C 97 10.25 -10.15 -25.00
C ALA C 97 10.38 -10.84 -23.65
N SER C 98 11.55 -10.81 -23.04
CA SER C 98 11.81 -11.51 -21.79
C SER C 98 11.67 -10.55 -20.60
N PHE C 99 11.36 -11.12 -19.44
CA PHE C 99 11.20 -10.35 -18.22
C PHE C 99 11.79 -11.13 -17.05
N CYS C 100 12.30 -10.38 -16.07
CA CYS C 100 13.02 -10.96 -14.94
C CYS C 100 12.59 -10.27 -13.65
N CYS C 101 12.53 -11.04 -12.56
CA CYS C 101 12.04 -10.54 -11.28
C CYS C 101 13.06 -10.85 -10.19
N HIS C 102 13.59 -9.80 -9.56
CA HIS C 102 14.52 -9.94 -8.44
C HIS C 102 13.77 -9.73 -7.14
N MET C 103 14.09 -10.55 -6.14
CA MET C 103 13.31 -10.61 -4.91
C MET C 103 14.21 -10.45 -3.69
N PHE C 104 13.66 -9.82 -2.65
CA PHE C 104 14.43 -9.47 -1.46
C PHE C 104 13.62 -9.71 -0.20
N TRP C 105 14.33 -9.93 0.90
CA TRP C 105 13.75 -9.99 2.25
C TRP C 105 14.45 -8.97 3.12
N CYS C 106 13.68 -8.11 3.77
CA CYS C 106 14.23 -6.95 4.47
C CYS C 106 13.76 -6.93 5.92
N GLU C 107 14.67 -6.55 6.81
CA GLU C 107 14.33 -6.32 8.21
C GLU C 107 14.62 -4.86 8.56
N PRO C 108 13.73 -4.22 9.34
CA PRO C 108 12.50 -4.75 9.93
C PRO C 108 11.38 -4.97 8.90
N ASN C 109 11.43 -4.21 7.81
CA ASN C 109 10.48 -4.37 6.71
C ASN C 109 11.12 -3.80 5.44
N ALA C 110 10.38 -3.83 4.35
CA ALA C 110 10.87 -3.46 3.04
C ALA C 110 10.54 -2.02 2.65
N ALA C 111 10.09 -1.19 3.60
CA ALA C 111 9.63 0.15 3.26
C ALA C 111 10.77 1.03 2.78
N SER C 112 11.87 1.09 3.54
CA SER C 112 12.98 1.95 3.18
C SER C 112 13.56 1.57 1.81
N LEU C 113 13.68 0.27 1.55
CA LEU C 113 14.19 -0.18 0.25
C LEU C 113 13.19 0.12 -0.86
N SER C 114 11.90 -0.01 -0.59
CA SER C 114 10.89 0.30 -1.59
C SER C 114 10.88 1.78 -1.94
N GLU C 115 11.21 2.65 -0.99
CA GLU C 115 11.27 4.08 -1.28
C GLU C 115 12.49 4.41 -2.14
N ALA C 116 13.64 3.81 -1.82
CA ALA C 116 14.86 4.16 -2.53
C ALA C 116 14.79 3.75 -3.99
N VAL C 117 14.26 2.56 -4.28
CA VAL C 117 14.06 2.17 -5.68
C VAL C 117 13.00 3.04 -6.33
N GLN C 118 11.99 3.45 -5.56
CA GLN C 118 11.00 4.40 -6.07
C GLN C 118 11.65 5.73 -6.43
N ALA C 119 12.59 6.18 -5.60
CA ALA C 119 13.28 7.44 -5.89
C ALA C 119 14.14 7.33 -7.15
N ALA C 120 14.73 6.14 -7.38
CA ALA C 120 15.54 5.95 -8.57
C ALA C 120 14.70 6.03 -9.84
N CYS C 121 13.52 5.41 -9.82
CA CYS C 121 12.62 5.49 -10.97
C CYS C 121 12.14 6.92 -11.21
N MET C 122 11.99 7.70 -10.14
CA MET C 122 11.58 9.10 -10.30
C MET C 122 12.66 9.89 -11.04
N LEU C 123 13.92 9.65 -10.72
CA LEU C 123 15.01 10.33 -11.42
C LEU C 123 15.05 9.97 -12.90
N ARG C 124 14.72 8.72 -13.23
CA ARG C 124 14.68 8.32 -14.64
C ARG C 124 13.47 8.91 -15.34
N TYR C 125 12.28 8.82 -14.71
CA TYR C 125 11.08 9.43 -15.27
C TYR C 125 11.25 10.93 -15.47
N GLN C 126 11.95 11.60 -14.55
CA GLN C 126 12.27 13.01 -14.69
C GLN C 126 13.34 13.26 -15.74
N LYS C 127 14.26 12.30 -15.92
CA LYS C 127 15.28 12.43 -16.94
C LYS C 127 14.69 12.36 -18.34
N CYS C 128 13.65 11.55 -18.53
CA CYS C 128 13.02 11.41 -19.84
C CYS C 128 12.10 12.57 -20.17
N LEU C 129 11.54 13.24 -19.16
CA LEU C 129 10.63 14.36 -19.37
C LEU C 129 11.35 15.56 -19.98
N ASP C 130 12.67 15.44 -20.14
CA ASP C 130 13.45 16.47 -20.81
C ASP C 130 13.18 16.41 -22.32
N LEU D 6 19.56 10.20 -4.43
CA LEU D 6 18.29 9.71 -4.93
C LEU D 6 17.25 10.82 -4.83
N VAL D 7 17.54 11.80 -3.98
CA VAL D 7 16.74 13.01 -3.88
C VAL D 7 17.58 14.18 -4.38
N GLN D 8 16.98 15.04 -5.19
CA GLN D 8 17.67 16.14 -5.81
C GLN D 8 17.23 17.47 -5.20
N LYS D 9 18.18 18.39 -5.11
CA LYS D 9 17.91 19.73 -4.62
C LYS D 9 17.88 20.72 -5.79
N PHE D 10 17.00 21.70 -5.68
CA PHE D 10 16.91 22.79 -6.66
C PHE D 10 17.07 24.11 -5.92
N GLN D 11 18.08 24.88 -6.29
CA GLN D 11 18.29 26.20 -5.72
C GLN D 11 17.33 27.18 -6.36
N VAL D 12 16.30 27.60 -5.60
CA VAL D 12 15.27 28.50 -6.09
C VAL D 12 15.06 29.61 -5.08
N TYR D 13 14.23 30.58 -5.45
CA TYR D 13 13.73 31.58 -4.53
C TYR D 13 12.32 31.19 -4.14
N TYR D 14 12.08 31.06 -2.83
CA TYR D 14 10.77 30.67 -2.31
C TYR D 14 9.96 31.93 -2.05
N LEU D 15 8.92 32.14 -2.83
CA LEU D 15 8.11 33.35 -2.76
C LEU D 15 7.01 33.26 -1.70
N GLY D 16 6.94 32.16 -0.96
CA GLY D 16 5.95 32.02 0.09
C GLY D 16 4.75 31.22 -0.36
N ASN D 17 3.71 31.27 0.48
CA ASN D 17 2.47 30.56 0.22
C ASN D 17 1.28 31.46 0.53
N VAL D 18 0.22 31.33 -0.26
CA VAL D 18 -1.00 32.10 -0.05
C VAL D 18 -2.19 31.14 -0.07
N PRO D 19 -3.27 31.45 0.64
CA PRO D 19 -4.48 30.63 0.52
C PRO D 19 -5.19 30.89 -0.79
N VAL D 20 -5.77 29.82 -1.34
CA VAL D 20 -6.49 29.88 -2.60
C VAL D 20 -7.84 29.20 -2.45
N ALA D 21 -8.76 29.50 -3.36
CA ALA D 21 -10.14 29.06 -3.27
C ALA D 21 -10.37 27.67 -3.84
N LYS D 22 -9.62 27.29 -4.88
CA LYS D 22 -9.87 26.04 -5.57
C LYS D 22 -8.61 25.21 -5.65
N PRO D 23 -8.73 23.89 -5.68
CA PRO D 23 -7.53 23.02 -5.64
C PRO D 23 -6.78 22.92 -6.95
N VAL D 24 -7.37 23.32 -8.08
CA VAL D 24 -6.75 23.14 -9.39
C VAL D 24 -6.97 24.39 -10.23
N GLY D 25 -6.21 24.49 -11.32
CA GLY D 25 -6.39 25.55 -12.30
C GLY D 25 -5.17 26.43 -12.47
N VAL D 26 -4.78 26.65 -13.73
CA VAL D 26 -3.72 27.60 -14.02
C VAL D 26 -4.16 29.00 -13.67
N ASP D 27 -5.48 29.25 -13.66
CA ASP D 27 -6.00 30.55 -13.26
C ASP D 27 -5.75 30.82 -11.79
N VAL D 28 -5.85 29.78 -10.96
CA VAL D 28 -5.69 29.96 -9.51
C VAL D 28 -4.25 30.27 -9.15
N ILE D 29 -3.31 29.51 -9.74
CA ILE D 29 -1.90 29.72 -9.40
C ILE D 29 -1.37 31.00 -10.03
N ASN D 30 -1.95 31.42 -11.17
CA ASN D 30 -1.53 32.69 -11.77
C ASN D 30 -2.02 33.86 -10.94
N GLY D 31 -3.24 33.79 -10.42
CA GLY D 31 -3.71 34.83 -9.52
C GLY D 31 -2.89 34.91 -8.25
N ALA D 32 -2.42 33.75 -7.77
CA ALA D 32 -1.54 33.73 -6.61
C ALA D 32 -0.19 34.37 -6.93
N LEU D 33 0.36 34.06 -8.11
CA LEU D 33 1.64 34.65 -8.50
C LEU D 33 1.50 36.14 -8.77
N GLU D 34 0.34 36.59 -9.24
CA GLU D 34 0.12 38.02 -9.43
C GLU D 34 0.13 38.75 -8.09
N SER D 35 -0.40 38.12 -7.05
CA SER D 35 -0.39 38.74 -5.72
C SER D 35 1.03 38.94 -5.21
N VAL D 36 1.96 38.08 -5.61
CA VAL D 36 3.30 38.08 -5.06
C VAL D 36 4.27 38.94 -5.88
N LEU D 37 4.07 39.02 -7.19
CA LEU D 37 5.02 39.71 -8.05
C LEU D 37 4.68 41.17 -8.30
N SER D 38 3.59 41.68 -7.71
CA SER D 38 3.13 43.03 -7.99
C SER D 38 3.51 44.04 -6.92
N SER D 39 3.54 43.64 -5.65
CA SER D 39 3.85 44.59 -4.58
C SER D 39 5.25 44.34 -4.01
N ARG D 42 6.52 45.02 -0.25
CA ARG D 42 7.52 43.98 -0.05
C ARG D 42 6.87 42.59 -0.04
N GLU D 43 7.64 41.59 -0.45
CA GLU D 43 7.28 40.19 -0.25
C GLU D 43 8.56 39.43 0.13
N GLN D 44 8.42 38.13 0.33
CA GLN D 44 9.55 37.30 0.75
C GLN D 44 10.14 36.58 -0.46
N TRP D 45 11.41 36.86 -0.74
CA TRP D 45 12.17 36.16 -1.78
C TRP D 45 13.30 35.43 -1.06
N THR D 46 12.95 34.26 -0.50
CA THR D 46 13.88 33.52 0.35
C THR D 46 14.68 32.54 -0.50
N PRO D 47 16.00 32.71 -0.62
CA PRO D 47 16.79 31.71 -1.34
C PRO D 47 16.81 30.41 -0.55
N SER D 48 16.61 29.30 -1.26
CA SER D 48 16.34 28.05 -0.58
C SER D 48 16.67 26.86 -1.47
N HIS D 49 16.68 25.68 -0.87
CA HIS D 49 16.79 24.41 -1.57
C HIS D 49 15.44 23.70 -1.52
N VAL D 50 14.97 23.23 -2.66
CA VAL D 50 13.77 22.41 -2.73
C VAL D 50 14.20 20.97 -2.96
N SER D 51 13.96 20.11 -1.96
CA SER D 51 14.31 18.70 -2.04
C SER D 51 13.06 17.90 -2.41
N VAL D 52 13.12 17.20 -3.54
CA VAL D 52 11.94 16.46 -4.03
C VAL D 52 12.16 14.98 -3.80
N ALA D 53 11.69 14.48 -2.66
CA ALA D 53 11.72 13.08 -2.29
C ALA D 53 10.37 12.46 -2.62
N PRO D 54 10.28 11.11 -2.60
CA PRO D 54 8.97 10.47 -2.79
C PRO D 54 7.87 11.04 -1.90
N ALA D 55 8.01 10.91 -0.59
CA ALA D 55 6.90 11.21 0.31
C ALA D 55 6.64 12.71 0.44
N THR D 56 7.68 13.54 0.48
CA THR D 56 7.52 14.94 0.82
C THR D 56 8.36 15.82 -0.11
N LEU D 57 7.95 17.08 -0.21
CA LEU D 57 8.77 18.16 -0.74
C LEU D 57 9.23 19.02 0.43
N THR D 58 10.53 19.23 0.56
CA THR D 58 11.10 19.96 1.68
C THR D 58 11.78 21.22 1.16
N ILE D 59 11.53 22.33 1.85
CA ILE D 59 12.08 23.63 1.49
C ILE D 59 12.99 24.07 2.62
N LEU D 60 14.30 24.07 2.36
CA LEU D 60 15.32 24.44 3.34
C LEU D 60 15.93 25.79 2.96
N HIS D 61 16.09 26.66 3.96
CA HIS D 61 16.80 27.91 3.75
C HIS D 61 18.20 27.63 3.21
N GLN D 62 18.64 28.47 2.26
CA GLN D 62 19.85 28.13 1.52
C GLN D 62 21.10 28.20 2.39
N GLN D 63 21.11 29.05 3.41
CA GLN D 63 22.29 29.22 4.26
C GLN D 63 22.11 28.64 5.65
N THR D 64 21.02 28.97 6.35
CA THR D 64 20.80 28.40 7.67
C THR D 64 20.33 26.96 7.59
N GLU D 65 19.85 26.51 6.43
CA GLU D 65 19.34 25.16 6.24
C GLU D 65 18.17 24.85 7.18
N ALA D 66 17.42 25.87 7.56
CA ALA D 66 16.22 25.69 8.37
C ALA D 66 15.02 25.35 7.47
N VAL D 67 14.10 24.58 8.03
CA VAL D 67 12.94 24.11 7.28
C VAL D 67 11.90 25.22 7.23
N LEU D 68 11.73 25.81 6.05
CA LEU D 68 10.68 26.80 5.81
C LEU D 68 9.36 26.17 5.41
N GLY D 69 9.39 24.93 4.92
CA GLY D 69 8.19 24.25 4.52
C GLY D 69 8.40 22.76 4.32
N GLU D 70 7.39 21.96 4.64
CA GLU D 70 7.42 20.51 4.45
C GLU D 70 6.06 20.09 3.93
N CYS D 71 6.00 19.63 2.68
CA CYS D 71 4.74 19.36 2.00
C CYS D 71 4.72 17.91 1.54
N ARG D 72 3.78 17.14 2.07
CA ARG D 72 3.62 15.75 1.64
C ARG D 72 2.99 15.71 0.26
N VAL D 73 3.62 14.94 -0.64
CA VAL D 73 3.11 14.78 -2.00
C VAL D 73 1.69 14.25 -1.99
N ARG D 74 1.34 13.46 -0.98
CA ARG D 74 -0.01 12.95 -0.78
C ARG D 74 -1.08 14.03 -0.95
N PHE D 75 -0.81 15.24 -0.46
CA PHE D 75 -1.80 16.30 -0.41
C PHE D 75 -1.67 17.29 -1.57
N LEU D 76 -0.75 17.07 -2.49
CA LEU D 76 -0.60 17.97 -3.63
C LEU D 76 -1.71 17.71 -4.64
N SER D 77 -2.43 18.77 -5.01
CA SER D 77 -3.59 18.66 -5.88
C SER D 77 -3.39 19.22 -7.28
N PHE D 78 -2.43 20.13 -7.46
CA PHE D 78 -2.22 20.76 -8.75
C PHE D 78 -0.85 21.42 -8.77
N LEU D 79 -0.27 21.51 -9.96
CA LEU D 79 1.03 22.14 -10.17
C LEU D 79 1.07 22.70 -11.58
N ALA D 80 1.81 23.80 -11.74
CA ALA D 80 1.91 24.44 -13.03
C ALA D 80 3.02 25.48 -13.01
N VAL D 81 3.67 25.65 -14.15
CA VAL D 81 4.56 26.80 -14.37
C VAL D 81 3.70 27.99 -14.76
N GLY D 82 3.98 29.14 -14.16
CA GLY D 82 3.22 30.34 -14.43
C GLY D 82 3.43 30.85 -15.85
N ARG D 83 2.76 31.97 -16.14
CA ARG D 83 2.95 32.63 -17.43
C ARG D 83 4.40 33.06 -17.61
N ASP D 84 5.08 33.40 -16.54
CA ASP D 84 6.52 33.60 -16.57
C ASP D 84 7.22 32.26 -16.44
N VAL D 85 8.14 31.97 -17.36
CA VAL D 85 8.83 30.68 -17.37
C VAL D 85 9.68 30.47 -16.12
N HIS D 86 9.92 31.52 -15.33
CA HIS D 86 10.70 31.38 -14.10
C HIS D 86 9.85 30.98 -12.91
N THR D 87 8.54 31.23 -12.95
CA THR D 87 7.68 30.99 -11.81
C THR D 87 7.12 29.57 -11.83
N PHE D 88 6.96 29.01 -10.63
CA PHE D 88 6.37 27.69 -10.45
C PHE D 88 5.54 27.69 -9.18
N ALA D 89 4.45 26.92 -9.19
CA ALA D 89 3.53 26.89 -8.06
C ALA D 89 2.80 25.56 -8.02
N PHE D 90 2.49 25.11 -6.80
CA PHE D 90 1.65 23.95 -6.61
C PHE D 90 0.68 24.22 -5.47
N ILE D 91 -0.44 23.50 -5.48
CA ILE D 91 -1.52 23.67 -4.51
C ILE D 91 -1.57 22.46 -3.59
N MET D 92 -1.68 22.71 -2.30
CA MET D 92 -1.77 21.67 -1.28
C MET D 92 -3.17 21.69 -0.68
N ALA D 93 -3.79 20.50 -0.60
CA ALA D 93 -5.10 20.37 0.03
C ALA D 93 -4.89 20.29 1.54
N ALA D 94 -4.73 21.45 2.16
CA ALA D 94 -4.47 21.54 3.59
C ALA D 94 -5.73 21.26 4.40
N PRO D 96 -9.09 20.11 4.59
CA PRO D 96 -10.39 19.56 4.21
C PRO D 96 -11.16 20.51 3.30
N ALA D 97 -11.17 21.79 3.66
CA ALA D 97 -11.77 22.83 2.85
C ALA D 97 -10.80 23.97 2.53
N SER D 98 -9.55 23.86 2.96
CA SER D 98 -8.56 24.90 2.76
C SER D 98 -7.54 24.46 1.72
N PHE D 99 -7.03 25.44 0.97
CA PHE D 99 -6.05 25.17 -0.08
C PHE D 99 -4.94 26.21 0.01
N CYS D 100 -3.70 25.75 -0.18
CA CYS D 100 -2.51 26.57 -0.04
C CYS D 100 -1.65 26.45 -1.30
N CYS D 101 -1.17 27.58 -1.80
CA CYS D 101 -0.39 27.64 -3.03
C CYS D 101 1.01 28.14 -2.72
N HIS D 102 1.99 27.25 -2.86
CA HIS D 102 3.39 27.60 -2.66
C HIS D 102 4.01 28.01 -3.99
N MET D 103 4.75 29.11 -3.98
CA MET D 103 5.26 29.73 -5.21
C MET D 103 6.78 29.81 -5.18
N PHE D 104 7.38 29.68 -6.37
CA PHE D 104 8.83 29.61 -6.50
C PHE D 104 9.28 30.38 -7.75
N TRP D 105 10.48 30.95 -7.66
CA TRP D 105 11.14 31.57 -8.81
C TRP D 105 12.42 30.79 -9.08
N CYS D 106 12.59 30.37 -10.34
CA CYS D 106 13.66 29.45 -10.68
C CYS D 106 14.52 30.01 -11.81
N GLU D 107 15.83 29.86 -11.67
CA GLU D 107 16.78 30.20 -12.72
C GLU D 107 17.47 28.94 -13.22
N PRO D 108 17.65 28.82 -14.54
CA PRO D 108 17.26 29.77 -15.59
C PRO D 108 15.77 29.76 -15.89
N ASN D 109 15.11 28.63 -15.61
CA ASN D 109 13.67 28.53 -15.72
C ASN D 109 13.19 27.48 -14.72
N ALA D 110 11.88 27.21 -14.75
CA ALA D 110 11.25 26.30 -13.80
C ALA D 110 10.97 24.92 -14.38
N ALA D 111 11.58 24.58 -15.52
CA ALA D 111 11.27 23.31 -16.16
C ALA D 111 11.76 22.13 -15.32
N SER D 112 13.02 22.18 -14.87
CA SER D 112 13.58 21.06 -14.12
C SER D 112 12.82 20.80 -12.83
N LEU D 113 12.49 21.87 -12.10
CA LEU D 113 11.77 21.71 -10.84
C LEU D 113 10.37 21.16 -11.07
N SER D 114 9.67 21.65 -12.09
CA SER D 114 8.33 21.15 -12.39
C SER D 114 8.36 19.70 -12.82
N GLU D 115 9.39 19.31 -13.58
CA GLU D 115 9.52 17.92 -13.99
C GLU D 115 9.71 17.00 -12.78
N ALA D 116 10.51 17.43 -11.80
CA ALA D 116 10.76 16.59 -10.63
C ALA D 116 9.49 16.42 -9.79
N VAL D 117 8.68 17.47 -9.68
CA VAL D 117 7.43 17.36 -8.93
C VAL D 117 6.44 16.49 -9.69
N GLN D 118 6.42 16.59 -11.02
CA GLN D 118 5.56 15.72 -11.82
C GLN D 118 5.95 14.26 -11.65
N ALA D 119 7.25 13.97 -11.62
CA ALA D 119 7.70 12.60 -11.43
C ALA D 119 7.35 12.08 -10.04
N ALA D 120 7.44 12.96 -9.03
CA ALA D 120 7.08 12.54 -7.69
C ALA D 120 5.60 12.22 -7.56
N CYS D 121 4.74 12.91 -8.34
CA CYS D 121 3.31 12.66 -8.25
C CYS D 121 2.89 11.46 -9.10
N MET D 122 3.65 11.14 -10.15
CA MET D 122 3.27 10.05 -11.03
C MET D 122 3.65 8.69 -10.46
N LEU D 123 4.86 8.57 -9.92
CA LEU D 123 5.39 7.29 -9.46
C LEU D 123 5.06 7.09 -7.97
N ARG D 124 3.77 7.06 -7.68
CA ARG D 124 3.26 6.78 -6.35
C ARG D 124 3.07 5.28 -6.17
N TYR D 125 3.35 4.80 -4.96
CA TYR D 125 2.96 3.43 -4.62
C TYR D 125 1.45 3.37 -4.41
N GLN D 126 0.81 2.41 -5.06
CA GLN D 126 -0.63 2.21 -4.95
C GLN D 126 -0.91 0.92 -4.19
N LYS D 127 -1.76 1.00 -3.18
CA LYS D 127 -2.25 -0.20 -2.52
C LYS D 127 -3.17 -0.95 -3.47
N CYS D 128 -2.87 -2.22 -3.70
CA CYS D 128 -3.65 -3.01 -4.66
C CYS D 128 -3.69 -4.46 -4.19
N LEU D 129 -4.74 -5.17 -4.61
CA LEU D 129 -5.06 -6.48 -4.05
C LEU D 129 -5.68 -7.35 -5.14
N ASP D 130 -5.13 -8.55 -5.32
CA ASP D 130 -5.70 -9.54 -6.23
C ASP D 130 -6.80 -10.31 -5.49
N ALA D 131 -8.02 -10.22 -5.99
CA ALA D 131 -9.20 -10.78 -5.31
C ALA D 131 -9.70 -12.07 -5.94
N ARG D 132 -8.96 -12.64 -6.88
CA ARG D 132 -9.42 -13.87 -7.53
C ARG D 132 -9.13 -15.08 -6.67
N SER D 133 -9.76 -16.20 -7.04
CA SER D 133 -9.76 -17.45 -6.28
C SER D 133 -8.41 -17.80 -5.63
S SO4 E . -1.72 -2.78 8.08
O1 SO4 E . -0.53 -2.31 7.38
O2 SO4 E . -1.77 -4.24 8.02
O3 SO4 E . -2.89 -2.20 7.45
O4 SO4 E . -1.65 -2.33 9.47
S SO4 F . 2.77 0.64 5.29
O1 SO4 F . 3.10 0.60 6.71
O2 SO4 F . 3.99 0.58 4.50
O3 SO4 F . 1.91 -0.48 4.96
O4 SO4 F . 2.07 1.89 5.00
S SO4 G . -0.30 -6.20 5.53
O1 SO4 G . 0.73 -7.24 5.51
O2 SO4 G . 0.25 -4.94 6.03
O3 SO4 G . -1.40 -6.63 6.37
O4 SO4 G . -0.79 -6.02 4.16
S SO4 H . -23.88 -15.03 -3.63
O1 SO4 H . -23.04 -16.22 -3.57
O2 SO4 H . -23.39 -14.15 -4.69
O3 SO4 H . -25.25 -15.43 -3.93
O4 SO4 H . -23.84 -14.33 -2.36
C1 GOL I . -5.79 8.11 -10.34
O1 GOL I . -5.45 9.26 -9.58
C2 GOL I . -4.51 7.47 -10.85
O2 GOL I . -4.55 6.07 -10.64
C3 GOL I . -4.32 7.77 -12.33
O3 GOL I . -3.86 9.10 -12.49
S SO4 J . 21.79 4.42 -18.25
O1 SO4 J . 23.22 4.61 -18.03
O2 SO4 J . 21.59 3.47 -19.33
O3 SO4 J . 21.18 3.91 -17.02
O4 SO4 J . 21.17 5.70 -18.60
C1 GOL K . -1.64 -6.56 -11.61
O1 GOL K . -2.28 -7.26 -10.56
C2 GOL K . -1.24 -5.17 -11.12
O2 GOL K . -0.83 -5.25 -9.78
C3 GOL K . -0.14 -4.61 -12.00
O3 GOL K . -0.59 -4.55 -13.33
C1 GOL L . 4.12 -12.19 -1.56
O1 GOL L . 3.05 -12.57 -2.40
C2 GOL L . 4.49 -13.35 -0.64
O2 GOL L . 4.82 -12.87 0.64
C3 GOL L . 3.32 -14.32 -0.56
O3 GOL L . 3.11 -14.91 -1.82
C1 GOL M . 19.82 10.84 0.01
O1 GOL M . 18.64 10.77 -0.76
C2 GOL M . 21.01 11.14 -0.89
O2 GOL M . 20.62 12.03 -1.90
C3 GOL M . 22.11 11.78 -0.06
O3 GOL M . 23.35 11.58 -0.71
S SO4 N . 2.96 8.75 1.94
O1 SO4 N . 3.95 7.94 2.62
O2 SO4 N . 3.15 8.68 0.49
O3 SO4 N . 1.63 8.25 2.27
O4 SO4 N . 3.07 10.14 2.37
C1 GOL O . -0.90 15.68 -10.73
O1 GOL O . -0.21 16.87 -11.01
C2 GOL O . -1.25 15.64 -9.24
O2 GOL O . -1.10 16.93 -8.69
C3 GOL O . -2.70 15.19 -9.08
O3 GOL O . -2.76 14.09 -8.19
#